data_5QQ3
#
_entry.id   5QQ3
#
_cell.length_a   57.717
_cell.length_b   57.717
_cell.length_c   396.823
_cell.angle_alpha   90.000
_cell.angle_beta   90.000
_cell.angle_gamma   120.000
#
_symmetry.space_group_name_H-M   'P 61 2 2'
#
loop_
_entity.id
_entity.type
_entity.pdbx_description
1 polymer 'Farnesyl diphosphate synthase'
2 non-polymer 'SULFATE ION'
3 non-polymer 'ACETATE ION'
4 non-polymer 'ZINC ION'
5 non-polymer ~{N}-(1~{H}-benzimidazol-2-ylmethyl)-2-methoxy-ethanamide
6 water water
#
_entity_poly.entity_id   1
_entity_poly.type   'polypeptide(L)'
_entity_poly.pdbx_seq_one_letter_code
;GPMASMERFLSVYDEVQAFLLDQLQSKYEIDPNRARYLRIMMDTTCLGGKYFRGMTVVNVAEGFLAVTQHDEATKERILH
DACVGGWMIEFLQAHYLVEDDIMDGSVMRRGKPCWYRFPGVTTQCAINDGIILKSWTQIMAWHYFADRPFLKDLLCLFQK
VDYATAVGQMYDVTSMCDSNKLDPEVAQPMTTDFAEFTPAIYKRIVKYKTTFYTYLLPLVMGLLVSEAAASVEMNLVERV
AHLIGEYFQVQDDVMDCFTPPEQLGKVGTDIEDAKCSWLAVTFLGKANAAQVAEFKANYGEKDPAKVAVVKRLYSKANLQ
ADFAAYEAEVVREVESLIEQLKVKSPTFAESVAVVWEKTHKRKK
;
_entity_poly.pdbx_strand_id   A
#
# COMPACT_ATOMS: atom_id res chain seq x y z
N MET A 3 -24.84 -5.53 12.25
CA MET A 3 -23.43 -5.07 12.39
C MET A 3 -22.91 -4.51 11.03
N ALA A 4 -22.71 -3.17 10.95
CA ALA A 4 -22.02 -2.54 9.82
C ALA A 4 -20.68 -3.24 9.75
N SER A 5 -20.17 -3.32 8.54
CA SER A 5 -18.92 -3.99 8.25
C SER A 5 -17.79 -3.36 8.99
N MET A 6 -17.75 -2.05 8.97
CA MET A 6 -16.66 -1.33 9.63
C MET A 6 -16.67 -1.58 11.12
N GLU A 7 -17.86 -1.61 11.72
CA GLU A 7 -18.00 -1.91 13.12
C GLU A 7 -17.47 -3.28 13.49
N ARG A 8 -17.80 -4.26 12.68
CA ARG A 8 -17.28 -5.57 12.91
C ARG A 8 -15.73 -5.54 12.81
N PHE A 9 -15.25 -4.83 11.78
CA PHE A 9 -13.83 -4.75 11.55
C PHE A 9 -13.07 -4.13 12.74
N LEU A 10 -13.60 -3.03 13.24
CA LEU A 10 -12.99 -2.36 14.37
C LEU A 10 -13.06 -3.16 15.63
N SER A 11 -14.16 -3.91 15.86
CA SER A 11 -14.23 -4.79 17.01
C SER A 11 -13.26 -5.88 17.03
N VAL A 12 -13.00 -6.44 15.85
CA VAL A 12 -12.01 -7.44 15.74
C VAL A 12 -10.58 -6.89 16.01
N TYR A 13 -10.30 -5.61 15.66
CA TYR A 13 -9.03 -5.09 16.12
C TYR A 13 -8.87 -5.24 17.64
N ASP A 14 -9.89 -4.82 18.36
CA ASP A 14 -9.85 -4.93 19.86
C ASP A 14 -9.61 -6.35 20.34
N GLU A 15 -10.25 -7.31 19.71
CA GLU A 15 -10.09 -8.64 20.09
C GLU A 15 -8.68 -9.14 19.78
N VAL A 16 -8.22 -8.83 18.58
CA VAL A 16 -6.90 -9.26 18.18
C VAL A 16 -5.79 -8.62 19.07
N GLN A 17 -5.95 -7.35 19.34
CA GLN A 17 -5.03 -6.65 20.21
C GLN A 17 -4.97 -7.37 21.62
N ALA A 18 -6.14 -7.70 22.17
CA ALA A 18 -6.18 -8.35 23.44
C ALA A 18 -5.53 -9.70 23.43
N PHE A 19 -5.83 -10.50 22.38
CA PHE A 19 -5.18 -11.74 22.18
C PHE A 19 -3.65 -11.61 22.19
N LEU A 20 -3.14 -10.70 21.33
CA LEU A 20 -1.70 -10.62 21.16
C LEU A 20 -1.05 -10.19 22.47
N LEU A 21 -1.68 -9.22 23.17
CA LEU A 21 -1.08 -8.70 24.40
C LEU A 21 -1.22 -9.74 25.54
N ASP A 22 -2.37 -10.38 25.64
CA ASP A 22 -2.55 -11.47 26.62
C ASP A 22 -1.60 -12.62 26.41
N GLN A 23 -1.31 -12.98 25.15
CA GLN A 23 -0.32 -14.00 24.88
C GLN A 23 1.07 -13.56 25.24
N LEU A 24 1.44 -12.31 24.96
CA LEU A 24 2.76 -11.85 25.40
C LEU A 24 3.03 -12.05 26.90
N GLN A 25 2.03 -11.70 27.69
CA GLN A 25 2.01 -11.92 29.16
C GLN A 25 2.01 -13.36 29.57
N SER A 26 1.26 -14.21 28.91
CA SER A 26 1.13 -15.56 29.41
C SER A 26 2.16 -16.46 28.82
N LYS A 27 2.76 -16.15 27.67
CA LYS A 27 3.65 -17.07 27.00
C LYS A 27 5.05 -16.51 26.69
N TYR A 28 5.23 -15.20 26.73
CA TYR A 28 6.53 -14.57 26.36
C TYR A 28 7.06 -13.70 27.49
N GLU A 29 6.51 -13.84 28.70
CA GLU A 29 7.03 -13.27 29.92
C GLU A 29 7.08 -11.74 29.93
N ILE A 30 6.17 -11.11 29.15
CA ILE A 30 6.20 -9.67 29.11
C ILE A 30 5.65 -9.12 30.38
N ASP A 31 6.19 -7.98 30.78
CA ASP A 31 5.71 -7.26 31.99
C ASP A 31 4.70 -6.21 31.54
N PRO A 32 3.90 -5.65 32.47
CA PRO A 32 2.83 -4.77 32.16
C PRO A 32 3.24 -3.46 31.44
N ASN A 33 4.37 -2.88 31.80
CA ASN A 33 4.78 -1.65 31.17
C ASN A 33 5.20 -1.81 29.65
N ARG A 34 5.87 -2.88 29.39
CA ARG A 34 6.26 -3.18 28.02
C ARG A 34 5.03 -3.62 27.18
N ALA A 35 4.08 -4.30 27.82
CA ALA A 35 2.80 -4.52 27.17
C ALA A 35 2.08 -3.24 26.79
N ARG A 36 2.06 -2.25 27.73
CA ARG A 36 1.46 -0.97 27.45
C ARG A 36 2.21 -0.27 26.33
N TYR A 37 3.54 -0.27 26.38
CA TYR A 37 4.25 0.35 25.26
C TYR A 37 3.83 -0.27 23.88
N LEU A 38 3.71 -1.58 23.81
CA LEU A 38 3.30 -2.25 22.58
C LEU A 38 1.87 -2.00 22.19
N ARG A 39 0.97 -1.88 23.15
CA ARG A 39 -0.38 -1.45 22.86
C ARG A 39 -0.46 -0.11 22.23
N ILE A 40 0.28 0.87 22.80
CA ILE A 40 0.33 2.17 22.24
C ILE A 40 0.93 2.15 20.83
N MET A 41 2.01 1.41 20.67
CA MET A 41 2.70 1.24 19.37
C MET A 41 1.70 0.73 18.35
N MET A 42 1.02 -0.36 18.70
CA MET A 42 0.04 -0.95 17.82
C MET A 42 -1.01 0.07 17.42
N ASP A 43 -1.67 0.77 18.38
CA ASP A 43 -2.64 1.77 18.04
C ASP A 43 -2.12 2.91 17.14
N THR A 44 -0.89 3.37 17.45
CA THR A 44 -0.35 4.51 16.79
C THR A 44 -0.02 4.21 15.37
N THR A 45 0.39 2.99 15.11
CA THR A 45 0.93 2.63 13.81
C THR A 45 -0.10 1.92 12.91
N CYS A 46 -1.10 1.33 13.52
CA CYS A 46 -2.13 0.58 12.82
C CYS A 46 -3.42 1.26 12.63
N LEU A 47 -3.76 2.27 13.45
CA LEU A 47 -5.06 2.90 13.41
C LEU A 47 -4.90 4.30 12.89
N GLY A 48 -6.02 4.83 12.44
CA GLY A 48 -6.16 6.24 11.99
C GLY A 48 -6.25 6.45 10.50
N GLY A 49 -6.05 5.43 9.72
CA GLY A 49 -6.20 5.48 8.25
C GLY A 49 -7.62 5.13 7.86
N LYS A 50 -7.82 4.85 6.58
CA LYS A 50 -9.18 4.50 6.07
C LYS A 50 -9.57 3.02 6.14
N TYR A 51 -8.59 2.20 6.40
CA TYR A 51 -8.82 0.75 6.49
C TYR A 51 -9.29 0.23 5.17
N PHE A 52 -8.85 0.90 4.11
CA PHE A 52 -9.21 0.47 2.76
C PHE A 52 -8.82 -1.01 2.48
N ARG A 53 -7.58 -1.38 2.78
CA ARG A 53 -7.10 -2.69 2.45
C ARG A 53 -7.85 -3.72 3.27
N GLY A 54 -7.95 -3.46 4.56
CA GLY A 54 -8.61 -4.49 5.44
C GLY A 54 -10.09 -4.58 5.09
N MET A 55 -10.78 -3.48 4.86
CA MET A 55 -12.18 -3.50 4.55
C MET A 55 -12.46 -4.10 3.20
N THR A 56 -11.51 -4.09 2.28
CA THR A 56 -11.66 -4.81 1.02
C THR A 56 -11.84 -6.33 1.24
N VAL A 57 -11.04 -6.90 2.09
CA VAL A 57 -11.17 -8.31 2.44
C VAL A 57 -12.62 -8.56 2.94
N VAL A 58 -13.07 -7.72 3.86
CA VAL A 58 -14.43 -7.86 4.43
C VAL A 58 -15.49 -7.73 3.31
N ASN A 59 -15.38 -6.70 2.46
CA ASN A 59 -16.33 -6.51 1.39
C ASN A 59 -16.42 -7.66 0.40
N VAL A 60 -15.29 -8.24 0.03
CA VAL A 60 -15.25 -9.34 -0.92
C VAL A 60 -16.00 -10.53 -0.20
N ALA A 61 -15.67 -10.77 1.07
CA ALA A 61 -16.32 -11.91 1.77
C ALA A 61 -17.82 -11.67 1.92
N GLU A 62 -18.20 -10.45 2.24
CA GLU A 62 -19.62 -10.10 2.32
C GLU A 62 -20.36 -10.40 1.03
N GLY A 63 -19.72 -10.15 -0.13
CA GLY A 63 -20.36 -10.41 -1.42
C GLY A 63 -20.68 -11.85 -1.58
N PHE A 64 -19.73 -12.72 -1.24
CA PHE A 64 -19.93 -14.12 -1.43
C PHE A 64 -20.95 -14.62 -0.42
N LEU A 65 -21.02 -14.00 0.74
CA LEU A 65 -21.97 -14.50 1.75
C LEU A 65 -23.38 -14.32 1.24
N ALA A 66 -23.60 -13.26 0.46
CA ALA A 66 -24.94 -12.95 -0.04
C ALA A 66 -25.44 -13.91 -1.07
N VAL A 67 -24.56 -14.70 -1.65
CA VAL A 67 -24.90 -15.67 -2.74
C VAL A 67 -24.59 -17.12 -2.44
N THR A 68 -24.20 -17.43 -1.19
CA THR A 68 -23.72 -18.78 -0.83
C THR A 68 -24.45 -19.21 0.42
N GLN A 69 -24.83 -20.47 0.45
CA GLN A 69 -25.64 -20.97 1.54
C GLN A 69 -24.71 -21.47 2.66
N HIS A 70 -24.93 -20.96 3.88
CA HIS A 70 -24.16 -21.29 5.07
C HIS A 70 -25.07 -21.20 6.32
N ASP A 71 -24.76 -21.97 7.34
CA ASP A 71 -25.28 -21.76 8.69
C ASP A 71 -24.85 -20.37 9.16
N GLU A 72 -25.64 -19.82 10.07
CA GLU A 72 -25.32 -18.55 10.69
C GLU A 72 -23.95 -18.54 11.32
N ALA A 73 -23.58 -19.60 12.04
CA ALA A 73 -22.30 -19.60 12.71
C ALA A 73 -21.15 -19.54 11.66
N THR A 74 -21.39 -20.16 10.51
CA THR A 74 -20.43 -20.16 9.41
C THR A 74 -20.30 -18.74 8.80
N LYS A 75 -21.41 -18.07 8.60
CA LYS A 75 -21.39 -16.66 8.16
C LYS A 75 -20.54 -15.83 9.12
N GLU A 76 -20.72 -16.03 10.42
CA GLU A 76 -19.95 -15.31 11.40
C GLU A 76 -18.51 -15.67 11.32
N ARG A 77 -18.18 -16.96 11.22
CA ARG A 77 -16.79 -17.40 11.20
C ARG A 77 -16.09 -16.79 9.94
N ILE A 78 -16.80 -16.78 8.80
CA ILE A 78 -16.21 -16.23 7.55
C ILE A 78 -15.95 -14.75 7.71
N LEU A 79 -16.93 -14.01 8.23
CA LEU A 79 -16.73 -12.59 8.43
C LEU A 79 -15.64 -12.36 9.46
N HIS A 80 -15.57 -13.15 10.52
CA HIS A 80 -14.48 -12.97 11.50
C HIS A 80 -13.13 -13.22 10.82
N ASP A 81 -13.06 -14.26 9.99
CA ASP A 81 -11.81 -14.58 9.29
C ASP A 81 -11.43 -13.43 8.34
N ALA A 82 -12.40 -12.89 7.65
CA ALA A 82 -12.15 -11.79 6.72
C ALA A 82 -11.62 -10.58 7.50
N CYS A 83 -12.16 -10.32 8.67
CA CYS A 83 -11.61 -9.20 9.51
C CYS A 83 -10.17 -9.51 9.97
N VAL A 84 -9.89 -10.68 10.45
CA VAL A 84 -8.56 -11.05 10.84
C VAL A 84 -7.58 -10.93 9.66
N GLY A 85 -7.96 -11.49 8.53
CA GLY A 85 -7.16 -11.36 7.32
C GLY A 85 -6.95 -9.86 6.94
N GLY A 86 -7.97 -9.07 7.03
CA GLY A 86 -7.84 -7.66 6.74
C GLY A 86 -6.81 -6.97 7.70
N TRP A 87 -6.89 -7.29 9.00
CA TRP A 87 -5.92 -6.80 9.93
C TRP A 87 -4.54 -7.31 9.68
N MET A 88 -4.37 -8.53 9.20
CA MET A 88 -3.07 -8.95 8.80
C MET A 88 -2.50 -7.95 7.75
N ILE A 89 -3.33 -7.51 6.80
CA ILE A 89 -2.85 -6.64 5.74
C ILE A 89 -2.57 -5.25 6.32
N GLU A 90 -3.41 -4.76 7.21
CA GLU A 90 -3.19 -3.43 7.80
C GLU A 90 -1.94 -3.46 8.63
N PHE A 91 -1.67 -4.54 9.37
CA PHE A 91 -0.46 -4.63 10.21
C PHE A 91 0.78 -4.79 9.27
N LEU A 92 0.62 -5.44 8.13
CA LEU A 92 1.70 -5.49 7.13
C LEU A 92 2.00 -4.07 6.63
N GLN A 93 0.97 -3.33 6.30
CA GLN A 93 1.09 -1.95 5.88
C GLN A 93 1.82 -1.18 7.01
N ALA A 94 1.37 -1.39 8.25
CA ALA A 94 1.93 -0.65 9.39
C ALA A 94 3.43 -0.86 9.51
N HIS A 95 3.88 -2.09 9.33
CA HIS A 95 5.28 -2.47 9.24
C HIS A 95 5.99 -1.61 8.21
N TYR A 96 5.46 -1.65 6.99
CA TYR A 96 6.12 -0.95 5.90
C TYR A 96 6.16 0.56 6.13
N LEU A 97 5.14 1.14 6.71
CA LEU A 97 5.14 2.55 6.95
C LEU A 97 6.14 2.91 7.99
N VAL A 98 6.19 2.14 9.10
CA VAL A 98 7.16 2.47 10.15
C VAL A 98 8.56 2.42 9.54
N GLU A 99 8.90 1.37 8.81
CA GLU A 99 10.24 1.20 8.35
C GLU A 99 10.58 2.24 7.24
N ASP A 100 9.66 2.46 6.32
CA ASP A 100 9.85 3.43 5.23
C ASP A 100 10.07 4.85 5.74
N ASP A 101 9.32 5.21 6.77
CA ASP A 101 9.41 6.54 7.36
C ASP A 101 10.81 6.72 7.92
N ILE A 102 11.34 5.73 8.60
CA ILE A 102 12.68 5.70 9.04
C ILE A 102 13.68 5.75 7.87
N MET A 103 13.50 4.86 6.89
CA MET A 103 14.33 4.83 5.72
C MET A 103 14.46 6.21 5.02
N ASP A 104 13.35 6.90 4.93
CA ASP A 104 13.23 8.14 4.13
C ASP A 104 13.41 9.39 4.94
N GLY A 105 13.62 9.27 6.22
CA GLY A 105 13.66 10.41 7.15
C GLY A 105 12.40 11.23 7.12
N SER A 106 11.26 10.57 7.12
CA SER A 106 9.98 11.28 7.02
C SER A 106 9.61 11.94 8.30
N VAL A 107 8.85 13.04 8.21
CA VAL A 107 8.53 13.83 9.34
C VAL A 107 7.15 13.52 9.95
N MET A 108 6.13 13.47 9.08
CA MET A 108 4.77 13.31 9.45
C MET A 108 4.09 12.22 8.64
N ARG A 109 3.10 11.62 9.22
CA ARG A 109 2.29 10.58 8.56
C ARG A 109 0.89 10.75 9.10
N ARG A 110 -0.03 11.24 8.26
CA ARG A 110 -1.44 11.45 8.64
C ARG A 110 -1.53 12.58 9.67
N GLY A 111 -0.97 13.73 9.34
CA GLY A 111 -0.85 14.83 10.31
C GLY A 111 -0.36 14.49 11.72
N LYS A 112 0.35 13.38 11.92
CA LYS A 112 1.02 13.09 13.20
C LYS A 112 2.50 12.70 12.99
N PRO A 113 3.32 12.83 14.03
CA PRO A 113 4.73 12.57 13.83
C PRO A 113 4.91 11.11 13.40
N CYS A 114 5.86 10.86 12.52
CA CYS A 114 6.20 9.42 12.30
C CYS A 114 6.57 8.75 13.64
N TRP A 115 6.29 7.47 13.77
CA TRP A 115 6.55 6.71 15.00
C TRP A 115 7.95 6.83 15.56
N TYR A 116 8.97 6.72 14.71
CA TYR A 116 10.34 6.80 15.19
C TYR A 116 10.66 8.17 15.84
N ARG A 117 9.88 9.19 15.51
CA ARG A 117 10.17 10.55 16.01
C ARG A 117 9.57 10.76 17.38
N PHE A 118 8.67 9.87 17.83
CA PHE A 118 8.08 9.99 19.17
C PHE A 118 9.23 10.01 20.25
N PRO A 119 9.10 10.87 21.26
CA PRO A 119 10.26 11.04 22.13
C PRO A 119 10.82 9.81 22.84
N GLY A 120 9.88 8.94 23.22
CA GLY A 120 10.15 7.71 23.96
C GLY A 120 10.29 6.49 23.08
N VAL A 121 10.35 6.70 21.77
CA VAL A 121 10.52 5.61 20.79
C VAL A 121 11.96 5.57 20.28
N THR A 122 12.35 6.51 19.42
CA THR A 122 13.58 6.61 18.75
C THR A 122 13.77 5.51 17.72
N THR A 123 14.76 5.70 16.86
CA THR A 123 14.99 4.79 15.74
C THR A 123 15.33 3.42 16.33
N GLN A 124 16.08 3.41 17.42
CA GLN A 124 16.60 2.14 17.94
C GLN A 124 15.45 1.24 18.28
N CYS A 125 14.42 1.78 18.86
CA CYS A 125 13.22 0.98 19.14
C CYS A 125 12.30 0.84 17.91
N ALA A 126 12.09 1.91 17.14
CA ALA A 126 11.19 1.89 16.03
C ALA A 126 11.50 0.84 14.96
N ILE A 127 12.76 0.63 14.65
CA ILE A 127 13.09 -0.46 13.67
C ILE A 127 12.51 -1.79 14.15
N ASN A 128 12.72 -2.05 15.42
CA ASN A 128 12.27 -3.32 16.02
C ASN A 128 10.78 -3.33 16.16
N ASP A 129 10.16 -2.21 16.52
CA ASP A 129 8.71 -2.16 16.60
C ASP A 129 8.12 -2.57 15.23
N GLY A 130 8.72 -2.07 14.16
CA GLY A 130 8.30 -2.44 12.82
C GLY A 130 8.42 -3.93 12.54
N ILE A 131 9.47 -4.51 13.01
CA ILE A 131 9.68 -5.98 12.88
C ILE A 131 8.51 -6.70 13.63
N ILE A 132 8.23 -6.24 14.83
CA ILE A 132 7.16 -6.84 15.64
C ILE A 132 5.86 -6.75 14.86
N LEU A 133 5.50 -5.58 14.32
CA LEU A 133 4.28 -5.44 13.55
C LEU A 133 4.12 -6.52 12.50
N LYS A 134 5.17 -6.80 11.80
CA LYS A 134 5.01 -7.87 10.77
C LYS A 134 4.96 -9.24 11.43
N SER A 135 5.71 -9.44 12.49
CA SER A 135 5.58 -10.75 13.23
C SER A 135 4.13 -10.97 13.72
N TRP A 136 3.44 -9.92 14.16
CA TRP A 136 2.09 -10.09 14.61
C TRP A 136 1.15 -10.61 13.49
N THR A 137 1.44 -10.33 12.21
CA THR A 137 0.59 -10.79 11.15
C THR A 137 0.65 -12.29 11.18
N GLN A 138 1.81 -12.85 11.41
CA GLN A 138 1.96 -14.29 11.42
C GLN A 138 1.34 -14.93 12.70
N ILE A 139 1.52 -14.31 13.85
CA ILE A 139 0.93 -14.77 15.06
C ILE A 139 -0.58 -14.81 14.91
N MET A 140 -1.22 -13.76 14.39
CA MET A 140 -2.66 -13.71 14.10
C MET A 140 -3.03 -14.92 13.27
N ALA A 141 -2.32 -15.09 12.17
CA ALA A 141 -2.65 -16.16 11.16
C ALA A 141 -2.62 -17.53 11.83
N TRP A 142 -1.55 -17.84 12.53
CA TRP A 142 -1.37 -19.17 13.11
C TRP A 142 -2.43 -19.39 14.17
N HIS A 143 -2.73 -18.38 14.95
CA HIS A 143 -3.79 -18.47 15.96
C HIS A 143 -5.17 -18.67 15.39
N TYR A 144 -5.66 -17.73 14.57
CA TYR A 144 -7.03 -17.72 14.18
C TYR A 144 -7.31 -18.72 13.07
N PHE A 145 -6.31 -19.06 12.26
CA PHE A 145 -6.50 -19.88 11.10
C PHE A 145 -5.83 -21.28 11.20
N ALA A 146 -5.44 -21.72 12.42
CA ALA A 146 -4.71 -22.99 12.65
C ALA A 146 -5.30 -24.25 11.88
N ASP A 147 -6.59 -24.36 11.96
CA ASP A 147 -7.18 -25.58 11.40
C ASP A 147 -7.87 -25.24 10.05
N ARG A 148 -7.64 -24.04 9.48
CA ARG A 148 -8.43 -23.64 8.32
C ARG A 148 -7.91 -24.23 7.07
N PRO A 149 -8.81 -24.68 6.12
CA PRO A 149 -8.30 -25.32 4.92
C PRO A 149 -7.45 -24.39 4.03
N PHE A 150 -7.70 -23.11 4.15
CA PHE A 150 -7.02 -22.07 3.38
C PHE A 150 -5.70 -21.60 3.98
N LEU A 151 -5.29 -22.15 5.10
CA LEU A 151 -4.14 -21.60 5.82
C LEU A 151 -2.89 -21.66 4.96
N LYS A 152 -2.61 -22.80 4.34
CA LYS A 152 -1.39 -22.93 3.54
C LYS A 152 -1.33 -21.90 2.41
N ASP A 153 -2.40 -21.85 1.62
CA ASP A 153 -2.44 -20.96 0.49
C ASP A 153 -2.35 -19.51 0.96
N LEU A 154 -2.98 -19.18 2.07
CA LEU A 154 -2.99 -17.79 2.60
C LEU A 154 -1.59 -17.40 3.02
N LEU A 155 -0.93 -18.25 3.78
CA LEU A 155 0.45 -17.95 4.25
C LEU A 155 1.37 -17.85 3.06
N CYS A 156 1.23 -18.70 2.07
CA CYS A 156 2.19 -18.76 0.94
C CYS A 156 2.01 -17.45 0.11
N LEU A 157 0.77 -17.06 -0.14
CA LEU A 157 0.48 -15.79 -0.87
C LEU A 157 0.98 -14.55 -0.11
N PHE A 158 0.66 -14.54 1.19
CA PHE A 158 1.02 -13.45 2.04
C PHE A 158 2.52 -13.23 1.98
N GLN A 159 3.26 -14.32 2.02
N GLN A 159 3.30 -14.31 2.05
CA GLN A 159 4.68 -14.35 2.03
CA GLN A 159 4.74 -14.20 2.03
C GLN A 159 5.29 -13.82 0.70
C GLN A 159 5.22 -13.65 0.69
N LYS A 160 4.67 -14.18 -0.40
CA LYS A 160 5.10 -13.68 -1.73
C LYS A 160 4.78 -12.18 -1.92
N VAL A 161 3.64 -11.73 -1.41
CA VAL A 161 3.28 -10.34 -1.48
C VAL A 161 4.21 -9.52 -0.63
N ASP A 162 4.53 -10.01 0.55
CA ASP A 162 5.50 -9.24 1.43
C ASP A 162 6.84 -9.11 0.74
N TYR A 163 7.35 -10.20 0.18
CA TYR A 163 8.59 -10.22 -0.51
C TYR A 163 8.56 -9.24 -1.73
N ALA A 164 7.54 -9.34 -2.54
CA ALA A 164 7.36 -8.37 -3.64
C ALA A 164 7.38 -6.91 -3.18
N THR A 165 6.79 -6.63 -2.04
CA THR A 165 6.67 -5.32 -1.52
C THR A 165 8.10 -4.84 -1.14
N ALA A 166 8.86 -5.71 -0.48
CA ALA A 166 10.27 -5.35 -0.11
C ALA A 166 11.08 -5.09 -1.39
N VAL A 167 10.86 -5.94 -2.38
CA VAL A 167 11.54 -5.77 -3.72
C VAL A 167 11.08 -4.42 -4.30
N GLY A 168 9.81 -4.09 -4.23
CA GLY A 168 9.32 -2.80 -4.61
C GLY A 168 9.95 -1.62 -3.91
N GLN A 169 10.15 -1.75 -2.61
CA GLN A 169 10.88 -0.75 -1.85
C GLN A 169 12.29 -0.53 -2.39
N MET A 170 12.97 -1.61 -2.76
CA MET A 170 14.30 -1.52 -3.35
C MET A 170 14.22 -0.78 -4.68
N TYR A 171 13.19 -1.10 -5.47
CA TYR A 171 13.03 -0.38 -6.78
C TYR A 171 12.81 1.08 -6.55
N ASP A 172 12.00 1.44 -5.54
CA ASP A 172 11.70 2.81 -5.26
C ASP A 172 12.97 3.57 -4.77
N VAL A 173 13.69 3.02 -3.84
CA VAL A 173 14.79 3.80 -3.18
C VAL A 173 15.96 3.90 -4.14
N THR A 174 16.06 2.98 -5.12
CA THR A 174 17.12 3.06 -6.14
C THR A 174 16.70 3.69 -7.46
N SER A 175 15.53 4.33 -7.49
CA SER A 175 14.87 4.84 -8.78
C SER A 175 15.53 6.06 -9.37
N MET A 176 16.27 6.79 -8.52
CA MET A 176 17.04 7.94 -9.02
C MET A 176 18.53 7.69 -9.26
N CYS A 177 18.97 6.47 -9.12
CA CYS A 177 20.29 6.03 -9.45
C CYS A 177 20.36 5.45 -10.85
N ASP A 178 21.59 5.40 -11.41
CA ASP A 178 21.78 4.68 -12.66
C ASP A 178 22.02 3.23 -12.38
N SER A 179 21.26 2.33 -12.98
CA SER A 179 21.36 0.93 -12.60
C SER A 179 22.76 0.42 -12.77
N ASN A 180 23.38 0.84 -13.85
CA ASN A 180 24.71 0.31 -14.09
C ASN A 180 25.76 0.78 -13.06
N LYS A 181 25.44 1.78 -12.24
CA LYS A 181 26.34 2.26 -11.22
C LYS A 181 26.07 1.66 -9.82
N LEU A 182 25.02 0.86 -9.63
CA LEU A 182 24.71 0.33 -8.28
C LEU A 182 25.91 -0.50 -7.89
N ASP A 183 26.38 -0.32 -6.66
CA ASP A 183 27.55 -0.93 -6.12
C ASP A 183 27.61 -0.62 -4.64
N PRO A 184 27.43 -1.66 -3.80
CA PRO A 184 27.58 -1.36 -2.35
C PRO A 184 28.87 -0.69 -1.95
N GLU A 185 29.93 -0.85 -2.70
CA GLU A 185 31.17 -0.18 -2.32
C GLU A 185 31.27 1.30 -2.68
N VAL A 186 30.35 1.85 -3.49
CA VAL A 186 30.54 3.21 -4.03
C VAL A 186 29.32 4.02 -3.77
N ALA A 187 29.48 5.18 -3.15
CA ALA A 187 28.36 6.05 -2.90
C ALA A 187 27.66 6.43 -4.19
N GLN A 188 26.31 6.44 -4.11
CA GLN A 188 25.51 6.41 -5.34
C GLN A 188 25.15 7.84 -5.78
N PRO A 189 25.62 8.23 -6.97
CA PRO A 189 25.18 9.52 -7.47
C PRO A 189 23.78 9.47 -8.05
N MET A 190 23.09 10.55 -7.94
CA MET A 190 21.82 10.75 -8.63
C MET A 190 22.04 10.66 -10.15
N THR A 191 21.09 10.08 -10.89
CA THR A 191 21.16 10.13 -12.32
C THR A 191 21.30 11.54 -12.84
N THR A 192 22.08 11.69 -13.90
CA THR A 192 22.15 12.98 -14.61
C THR A 192 21.32 12.98 -15.86
N ASP A 193 21.18 11.81 -16.49
CA ASP A 193 20.43 11.69 -17.78
C ASP A 193 18.95 11.39 -17.65
N PHE A 194 18.57 10.84 -16.49
CA PHE A 194 17.19 10.46 -16.26
C PHE A 194 16.67 9.48 -17.34
N ALA A 195 17.54 8.64 -17.89
CA ALA A 195 17.19 7.68 -18.91
C ALA A 195 16.24 6.60 -18.38
N GLU A 196 16.31 6.36 -17.08
CA GLU A 196 15.50 5.34 -16.48
C GLU A 196 14.20 5.92 -15.93
N PHE A 197 13.88 7.18 -16.20
CA PHE A 197 12.56 7.71 -15.86
C PHE A 197 11.61 7.44 -17.04
N THR A 198 11.16 6.16 -17.19
CA THR A 198 10.29 5.78 -18.29
C THR A 198 8.95 5.24 -17.72
N PRO A 199 7.94 5.12 -18.58
CA PRO A 199 6.68 4.55 -18.08
C PRO A 199 6.85 3.08 -17.63
N ALA A 200 7.63 2.25 -18.36
CA ALA A 200 7.78 0.86 -17.96
C ALA A 200 8.52 0.73 -16.66
N ILE A 201 9.51 1.60 -16.43
CA ILE A 201 10.24 1.59 -15.20
C ILE A 201 9.42 2.05 -14.06
N TYR A 202 8.71 3.15 -14.24
CA TYR A 202 7.75 3.57 -13.26
C TYR A 202 6.72 2.49 -12.91
N LYS A 203 6.22 1.85 -13.94
CA LYS A 203 5.23 0.78 -13.72
C LYS A 203 5.79 -0.35 -12.88
N ARG A 204 7.05 -0.71 -13.13
CA ARG A 204 7.66 -1.76 -12.29
C ARG A 204 7.71 -1.31 -10.81
N ILE A 205 8.12 -0.07 -10.53
CA ILE A 205 8.19 0.42 -9.13
C ILE A 205 6.87 0.30 -8.47
N VAL A 206 5.83 0.83 -9.11
CA VAL A 206 4.57 0.90 -8.48
C VAL A 206 3.93 -0.50 -8.28
N LYS A 207 4.11 -1.35 -9.28
CA LYS A 207 3.52 -2.65 -9.16
C LYS A 207 3.99 -3.36 -7.90
N TYR A 208 5.31 -3.35 -7.70
CA TYR A 208 5.96 -4.03 -6.57
C TYR A 208 5.74 -3.32 -5.27
N LYS A 209 5.92 -2.02 -5.25
CA LYS A 209 5.90 -1.25 -4.02
C LYS A 209 4.55 -1.11 -3.41
N THR A 210 3.48 -1.13 -4.22
CA THR A 210 2.17 -0.78 -3.74
C THR A 210 1.09 -1.76 -4.18
N THR A 211 1.13 -2.19 -5.43
CA THR A 211 -0.10 -2.87 -5.96
C THR A 211 -0.39 -4.23 -5.34
N PHE A 212 0.68 -5.00 -5.12
CA PHE A 212 0.57 -6.36 -4.64
C PHE A 212 -0.07 -6.29 -3.27
N TYR A 213 0.37 -5.44 -2.33
CA TYR A 213 -0.16 -5.45 -1.02
C TYR A 213 -1.43 -4.63 -0.85
N THR A 214 -1.67 -3.61 -1.67
CA THR A 214 -2.82 -2.72 -1.57
C THR A 214 -4.04 -3.23 -2.31
N TYR A 215 -3.80 -3.88 -3.43
CA TYR A 215 -4.91 -4.38 -4.28
C TYR A 215 -5.00 -5.88 -4.48
N LEU A 216 -3.92 -6.58 -4.83
CA LEU A 216 -4.02 -7.99 -5.05
C LEU A 216 -4.34 -8.73 -3.76
N LEU A 217 -3.53 -8.48 -2.74
CA LEU A 217 -3.67 -9.23 -1.50
C LEU A 217 -5.08 -9.04 -0.88
N PRO A 218 -5.65 -7.82 -0.74
CA PRO A 218 -6.97 -7.78 -0.12
C PRO A 218 -8.04 -8.52 -0.94
N LEU A 219 -7.97 -8.44 -2.24
CA LEU A 219 -8.95 -9.19 -3.10
C LEU A 219 -8.79 -10.70 -2.89
N VAL A 220 -7.58 -11.19 -3.03
CA VAL A 220 -7.32 -12.60 -2.92
C VAL A 220 -7.53 -13.16 -1.50
N MET A 221 -7.22 -12.38 -0.47
CA MET A 221 -7.53 -12.74 0.89
C MET A 221 -9.05 -12.94 1.07
N GLY A 222 -9.81 -12.04 0.53
CA GLY A 222 -11.25 -12.15 0.52
C GLY A 222 -11.76 -13.47 -0.15
N LEU A 223 -11.15 -13.82 -1.27
CA LEU A 223 -11.45 -15.10 -1.97
C LEU A 223 -11.03 -16.28 -1.08
N LEU A 224 -9.87 -16.20 -0.44
CA LEU A 224 -9.35 -17.36 0.29
C LEU A 224 -10.19 -17.68 1.54
N VAL A 225 -10.64 -16.63 2.27
CA VAL A 225 -11.41 -16.87 3.49
C VAL A 225 -12.82 -17.29 3.11
N SER A 226 -13.23 -16.93 1.93
CA SER A 226 -14.52 -17.38 1.39
C SER A 226 -14.48 -18.77 0.67
N GLU A 227 -13.31 -19.36 0.53
CA GLU A 227 -13.10 -20.58 -0.23
C GLU A 227 -13.72 -20.45 -1.60
N ALA A 228 -13.41 -19.34 -2.26
CA ALA A 228 -14.04 -18.96 -3.53
C ALA A 228 -12.97 -18.73 -4.64
N ALA A 229 -11.76 -19.16 -4.46
CA ALA A 229 -10.78 -18.85 -5.53
C ALA A 229 -11.22 -19.44 -6.91
N ALA A 230 -12.00 -20.52 -6.93
CA ALA A 230 -12.58 -21.02 -8.22
C ALA A 230 -13.60 -20.11 -8.93
N SER A 231 -14.13 -19.11 -8.27
CA SER A 231 -15.03 -18.12 -8.90
C SER A 231 -14.30 -17.11 -9.79
N VAL A 232 -12.95 -17.21 -9.89
CA VAL A 232 -12.21 -16.23 -10.64
C VAL A 232 -11.11 -16.85 -11.38
N GLU A 233 -10.74 -16.10 -12.42
CA GLU A 233 -9.56 -16.33 -13.18
C GLU A 233 -8.46 -15.44 -12.58
N MET A 234 -7.52 -16.07 -11.91
CA MET A 234 -6.53 -15.35 -11.13
C MET A 234 -5.70 -14.42 -12.04
N ASN A 235 -5.45 -14.80 -13.31
CA ASN A 235 -4.68 -13.87 -14.18
C ASN A 235 -5.44 -12.54 -14.40
N LEU A 236 -6.76 -12.59 -14.43
CA LEU A 236 -7.54 -11.34 -14.48
C LEU A 236 -7.53 -10.51 -13.23
N VAL A 237 -7.56 -11.17 -12.09
CA VAL A 237 -7.61 -10.49 -10.80
C VAL A 237 -6.22 -9.74 -10.72
N GLU A 238 -5.18 -10.41 -11.12
CA GLU A 238 -3.84 -9.72 -11.18
C GLU A 238 -3.79 -8.49 -12.11
N ARG A 239 -4.29 -8.67 -13.34
CA ARG A 239 -4.40 -7.54 -14.27
C ARG A 239 -5.16 -6.36 -13.79
N VAL A 240 -6.33 -6.60 -13.17
CA VAL A 240 -7.15 -5.51 -12.70
C VAL A 240 -6.53 -4.86 -11.48
N ALA A 241 -5.86 -5.61 -10.68
CA ALA A 241 -5.21 -5.04 -9.49
C ALA A 241 -4.07 -4.18 -9.99
N HIS A 242 -3.31 -4.66 -10.96
CA HIS A 242 -2.15 -3.84 -11.47
C HIS A 242 -2.65 -2.50 -12.01
N LEU A 243 -3.79 -2.49 -12.66
CA LEU A 243 -4.29 -1.29 -13.25
C LEU A 243 -4.75 -0.31 -12.18
N ILE A 244 -5.61 -0.81 -11.32
CA ILE A 244 -6.11 0.04 -10.31
C ILE A 244 -4.98 0.55 -9.35
N GLY A 245 -4.05 -0.33 -9.06
CA GLY A 245 -2.94 0.02 -8.19
C GLY A 245 -2.05 1.09 -8.81
N GLU A 246 -1.81 0.99 -10.13
CA GLU A 246 -1.07 2.03 -10.81
C GLU A 246 -1.75 3.36 -10.76
N TYR A 247 -3.07 3.38 -11.03
CA TYR A 247 -3.88 4.54 -10.89
C TYR A 247 -3.80 5.21 -9.50
N PHE A 248 -3.96 4.40 -8.48
CA PHE A 248 -3.85 4.85 -7.09
C PHE A 248 -2.55 5.66 -6.87
N GLN A 249 -1.45 5.09 -7.34
CA GLN A 249 -0.12 5.69 -7.14
C GLN A 249 0.04 6.94 -7.98
N VAL A 250 -0.50 6.96 -9.19
CA VAL A 250 -0.39 8.16 -9.98
C VAL A 250 -1.14 9.30 -9.29
N GLN A 251 -2.31 9.02 -8.72
CA GLN A 251 -3.02 10.05 -7.89
C GLN A 251 -2.14 10.55 -6.72
N ASP A 252 -1.51 9.61 -6.03
CA ASP A 252 -0.71 9.90 -4.86
C ASP A 252 0.47 10.80 -5.34
N ASP A 253 1.08 10.42 -6.47
CA ASP A 253 2.21 11.20 -7.03
C ASP A 253 1.82 12.65 -7.36
N VAL A 254 0.66 12.83 -7.96
CA VAL A 254 0.17 14.17 -8.21
C VAL A 254 -0.10 14.98 -6.93
N MET A 255 -0.76 14.37 -5.99
CA MET A 255 -1.03 15.00 -4.69
C MET A 255 0.25 15.33 -3.88
N ASP A 256 1.31 14.52 -3.99
CA ASP A 256 2.57 14.87 -3.26
C ASP A 256 3.07 16.24 -3.67
N CYS A 257 2.90 16.50 -4.96
CA CYS A 257 3.29 17.77 -5.55
C CYS A 257 2.27 18.85 -5.34
N PHE A 258 0.99 18.56 -5.62
CA PHE A 258 -0.03 19.66 -5.73
C PHE A 258 -1.06 19.82 -4.58
N THR A 259 -1.12 18.88 -3.64
CA THR A 259 -2.09 18.97 -2.56
C THR A 259 -1.46 19.74 -1.38
N PRO A 260 -2.17 20.81 -0.92
CA PRO A 260 -1.73 21.57 0.25
C PRO A 260 -1.30 20.63 1.41
N PRO A 261 -0.22 20.98 2.13
CA PRO A 261 0.20 20.02 3.18
C PRO A 261 -0.87 19.66 4.30
N GLU A 262 -1.69 20.62 4.72
CA GLU A 262 -2.81 20.39 5.70
C GLU A 262 -3.76 19.23 5.27
N GLN A 263 -3.99 19.12 3.96
CA GLN A 263 -4.90 18.13 3.39
C GLN A 263 -4.21 16.81 3.15
N LEU A 264 -3.05 16.89 2.53
CA LEU A 264 -2.12 15.77 2.36
C LEU A 264 -1.76 15.09 3.71
N GLY A 265 -1.63 15.89 4.79
CA GLY A 265 -1.24 15.37 6.12
C GLY A 265 0.28 15.21 6.26
N LYS A 266 0.99 15.96 5.38
CA LYS A 266 2.39 15.71 5.00
C LYS A 266 2.89 16.94 4.17
N VAL A 267 4.17 17.36 4.36
CA VAL A 267 4.84 18.21 3.36
C VAL A 267 5.41 17.22 2.35
N GLY A 268 4.98 17.32 1.10
CA GLY A 268 5.47 16.45 0.00
C GLY A 268 6.91 16.79 -0.40
N THR A 269 7.77 15.78 -0.44
CA THR A 269 9.19 15.96 -0.81
C THR A 269 9.66 15.11 -2.07
N ASP A 270 8.72 14.62 -2.90
CA ASP A 270 9.16 13.77 -4.06
C ASP A 270 10.12 14.43 -5.05
N ILE A 271 9.92 15.71 -5.27
CA ILE A 271 10.90 16.52 -6.09
C ILE A 271 12.34 16.59 -5.48
N GLU A 272 12.41 17.01 -4.21
CA GLU A 272 13.73 17.02 -3.52
C GLU A 272 14.29 15.66 -3.37
N ASP A 273 13.43 14.66 -3.23
CA ASP A 273 13.88 13.25 -3.10
C ASP A 273 14.21 12.57 -4.42
N ALA A 274 13.99 13.32 -5.50
CA ALA A 274 14.28 12.90 -6.88
C ALA A 274 13.51 11.65 -7.24
N LYS A 275 12.29 11.61 -6.77
CA LYS A 275 11.52 10.35 -6.97
C LYS A 275 11.13 10.19 -8.46
N CYS A 276 11.02 8.94 -8.89
CA CYS A 276 10.55 8.66 -10.23
C CYS A 276 9.07 8.69 -10.08
N SER A 277 8.51 9.89 -10.10
CA SER A 277 7.08 10.08 -10.00
C SER A 277 6.41 10.12 -11.38
N TRP A 278 5.10 10.01 -11.40
CA TRP A 278 4.37 10.05 -12.66
C TRP A 278 4.54 11.41 -13.32
N LEU A 279 4.60 12.42 -12.46
CA LEU A 279 4.85 13.80 -12.93
C LEU A 279 6.12 13.92 -13.66
N ALA A 280 7.20 13.45 -13.05
CA ALA A 280 8.50 13.50 -13.69
C ALA A 280 8.53 12.72 -14.99
N VAL A 281 8.02 11.47 -14.99
CA VAL A 281 8.15 10.62 -16.14
C VAL A 281 7.30 11.29 -17.30
N THR A 282 6.15 11.79 -16.97
CA THR A 282 5.16 12.32 -17.95
C THR A 282 5.74 13.62 -18.55
N PHE A 283 6.29 14.46 -17.67
CA PHE A 283 6.96 15.68 -18.10
C PHE A 283 8.15 15.33 -19.05
N LEU A 284 8.99 14.42 -18.69
CA LEU A 284 10.10 14.01 -19.56
C LEU A 284 9.60 13.43 -20.89
N GLY A 285 8.39 12.86 -20.92
CA GLY A 285 7.86 12.34 -22.11
C GLY A 285 7.29 13.37 -23.06
N LYS A 286 7.21 14.64 -22.65
CA LYS A 286 6.64 15.64 -23.52
C LYS A 286 7.46 16.90 -23.65
N ALA A 287 8.49 17.05 -22.82
CA ALA A 287 9.30 18.24 -22.75
C ALA A 287 10.15 18.45 -23.98
N ASN A 288 10.46 19.75 -24.26
CA ASN A 288 11.45 20.08 -25.24
C ASN A 288 12.82 20.12 -24.61
N ALA A 289 13.85 20.29 -25.43
CA ALA A 289 15.21 20.12 -24.98
C ALA A 289 15.48 21.13 -23.85
N ALA A 290 14.95 22.34 -24.01
CA ALA A 290 15.28 23.39 -23.06
C ALA A 290 14.62 23.14 -21.71
N GLN A 291 13.40 22.62 -21.75
CA GLN A 291 12.63 22.19 -20.56
C GLN A 291 13.34 20.98 -19.85
N VAL A 292 13.87 20.06 -20.64
CA VAL A 292 14.60 18.94 -20.09
C VAL A 292 15.88 19.44 -19.35
N ALA A 293 16.61 20.38 -19.93
CA ALA A 293 17.83 20.86 -19.26
C ALA A 293 17.48 21.59 -17.98
N GLU A 294 16.40 22.32 -17.99
CA GLU A 294 15.98 23.05 -16.83
C GLU A 294 15.54 22.09 -15.70
N PHE A 295 14.75 21.08 -16.05
CA PHE A 295 14.38 20.06 -15.07
C PHE A 295 15.67 19.44 -14.49
N LYS A 296 16.64 19.11 -15.31
CA LYS A 296 17.80 18.43 -14.76
C LYS A 296 18.57 19.33 -13.81
N ALA A 297 18.60 20.62 -14.15
CA ALA A 297 19.40 21.59 -13.31
C ALA A 297 18.76 21.79 -11.96
N ASN A 298 17.48 21.42 -11.80
CA ASN A 298 16.73 21.75 -10.62
C ASN A 298 16.16 20.57 -9.80
N TYR A 299 16.05 19.39 -10.40
CA TYR A 299 15.40 18.27 -9.71
C TYR A 299 16.34 17.66 -8.65
N GLY A 300 15.69 17.15 -7.61
CA GLY A 300 16.43 16.33 -6.64
C GLY A 300 17.29 17.16 -5.69
N GLU A 301 16.83 18.39 -5.39
CA GLU A 301 17.59 19.37 -4.58
C GLU A 301 16.66 19.98 -3.55
N LYS A 302 17.19 20.09 -2.35
CA LYS A 302 16.46 20.63 -1.23
C LYS A 302 16.11 22.09 -1.48
N ASP A 303 16.95 22.83 -2.18
CA ASP A 303 16.71 24.26 -2.37
C ASP A 303 15.24 24.62 -2.82
N PRO A 304 14.48 25.32 -1.96
CA PRO A 304 13.08 25.62 -2.28
C PRO A 304 12.90 26.34 -3.57
N ALA A 305 13.85 27.17 -3.96
CA ALA A 305 13.70 27.86 -5.26
C ALA A 305 13.80 26.86 -6.44
N LYS A 306 14.64 25.83 -6.31
CA LYS A 306 14.79 24.80 -7.35
C LYS A 306 13.59 23.90 -7.42
N VAL A 307 13.02 23.61 -6.26
CA VAL A 307 11.76 22.88 -6.17
C VAL A 307 10.65 23.69 -6.84
N ALA A 308 10.56 24.99 -6.54
CA ALA A 308 9.57 25.82 -7.24
C ALA A 308 9.82 25.87 -8.74
N VAL A 309 11.08 25.76 -9.20
CA VAL A 309 11.32 25.74 -10.67
C VAL A 309 10.67 24.47 -11.25
N VAL A 310 10.90 23.34 -10.59
CA VAL A 310 10.31 22.06 -11.05
C VAL A 310 8.78 22.13 -11.12
N LYS A 311 8.16 22.67 -10.06
CA LYS A 311 6.68 22.75 -10.03
C LYS A 311 6.13 23.62 -11.13
N ARG A 312 6.88 24.67 -11.46
CA ARG A 312 6.54 25.52 -12.58
C ARG A 312 6.64 24.81 -13.93
N LEU A 313 7.70 24.04 -14.10
CA LEU A 313 7.84 23.31 -15.34
C LEU A 313 6.66 22.36 -15.50
N TYR A 314 6.22 21.75 -14.39
CA TYR A 314 5.12 20.76 -14.47
C TYR A 314 3.81 21.47 -14.77
N SER A 315 3.63 22.62 -14.13
CA SER A 315 2.42 23.45 -14.31
C SER A 315 2.26 23.88 -15.77
N LYS A 316 3.32 24.39 -16.38
CA LYS A 316 3.27 24.85 -17.77
C LYS A 316 3.37 23.73 -18.81
N ALA A 317 3.60 22.50 -18.37
CA ALA A 317 3.73 21.39 -19.30
C ALA A 317 2.36 20.76 -19.59
N ASN A 318 1.32 21.27 -18.93
CA ASN A 318 -0.09 20.85 -19.08
C ASN A 318 -0.31 19.36 -18.78
N LEU A 319 0.18 19.00 -17.60
CA LEU A 319 0.15 17.64 -17.16
C LEU A 319 -1.23 17.23 -16.76
N GLN A 320 -2.12 18.17 -16.47
CA GLN A 320 -3.56 17.86 -16.24
C GLN A 320 -4.17 17.21 -17.45
N ALA A 321 -3.73 17.58 -18.65
CA ALA A 321 -4.22 16.90 -19.87
C ALA A 321 -3.76 15.47 -19.91
N ASP A 322 -2.51 15.27 -19.55
CA ASP A 322 -1.98 13.90 -19.65
C ASP A 322 -2.74 13.12 -18.58
N PHE A 323 -3.04 13.72 -17.42
CA PHE A 323 -3.66 12.93 -16.32
C PHE A 323 -5.10 12.53 -16.77
N ALA A 324 -5.91 13.48 -17.24
CA ALA A 324 -7.25 13.16 -17.81
C ALA A 324 -7.25 12.06 -18.85
N ALA A 325 -6.32 12.10 -19.80
CA ALA A 325 -6.15 11.06 -20.80
C ALA A 325 -5.78 9.73 -20.15
N TYR A 326 -4.90 9.81 -19.14
CA TYR A 326 -4.47 8.55 -18.53
C TYR A 326 -5.69 7.94 -17.81
N GLU A 327 -6.43 8.82 -17.13
CA GLU A 327 -7.60 8.45 -16.29
C GLU A 327 -8.66 7.84 -17.18
N ALA A 328 -8.94 8.53 -18.27
CA ALA A 328 -9.81 8.02 -19.33
C ALA A 328 -9.47 6.61 -19.74
N GLU A 329 -8.20 6.35 -19.99
CA GLU A 329 -7.82 5.05 -20.47
C GLU A 329 -7.90 3.98 -19.35
N VAL A 330 -7.57 4.37 -18.13
CA VAL A 330 -7.69 3.41 -17.02
C VAL A 330 -9.19 3.08 -16.82
N VAL A 331 -10.02 4.09 -16.80
CA VAL A 331 -11.50 3.87 -16.69
C VAL A 331 -11.95 2.85 -17.72
N ARG A 332 -11.50 3.05 -18.95
CA ARG A 332 -11.77 2.10 -20.01
C ARG A 332 -11.30 0.69 -19.81
N GLU A 333 -10.05 0.52 -19.39
CA GLU A 333 -9.57 -0.82 -19.21
C GLU A 333 -10.16 -1.57 -17.95
N VAL A 334 -10.36 -0.81 -16.88
CA VAL A 334 -10.94 -1.36 -15.61
C VAL A 334 -12.33 -1.87 -15.93
N GLU A 335 -13.11 -1.09 -16.67
CA GLU A 335 -14.45 -1.53 -17.11
C GLU A 335 -14.38 -2.77 -17.93
N SER A 336 -13.40 -2.88 -18.80
CA SER A 336 -13.25 -4.09 -19.59
C SER A 336 -12.94 -5.32 -18.74
N LEU A 337 -11.95 -5.18 -17.86
CA LEU A 337 -11.66 -6.30 -16.97
C LEU A 337 -12.85 -6.65 -16.00
N ILE A 338 -13.62 -5.69 -15.55
CA ILE A 338 -14.77 -5.99 -14.71
C ILE A 338 -15.73 -6.90 -15.53
N GLU A 339 -15.87 -6.55 -16.80
CA GLU A 339 -16.70 -7.40 -17.65
C GLU A 339 -16.19 -8.79 -17.81
N GLN A 340 -14.88 -8.94 -18.03
CA GLN A 340 -14.36 -10.23 -18.14
C GLN A 340 -14.63 -11.01 -16.78
N LEU A 341 -14.54 -10.29 -15.66
CA LEU A 341 -14.70 -10.93 -14.29
C LEU A 341 -16.12 -11.42 -14.08
N LYS A 342 -17.09 -10.68 -14.63
CA LYS A 342 -18.48 -11.19 -14.61
C LYS A 342 -18.75 -12.59 -15.18
N VAL A 343 -17.91 -13.11 -16.05
CA VAL A 343 -18.12 -14.41 -16.71
C VAL A 343 -18.12 -15.56 -15.67
N LYS A 344 -17.09 -15.58 -14.82
CA LYS A 344 -17.07 -16.44 -13.65
C LYS A 344 -17.81 -15.90 -12.40
N SER A 345 -17.84 -14.59 -12.13
CA SER A 345 -18.46 -14.10 -10.89
C SER A 345 -18.91 -12.72 -10.86
N PRO A 346 -20.21 -12.51 -11.03
CA PRO A 346 -20.80 -11.21 -10.80
C PRO A 346 -20.57 -10.58 -9.46
N THR A 347 -20.64 -11.40 -8.41
CA THR A 347 -20.38 -10.92 -7.11
C THR A 347 -18.92 -10.36 -6.99
N PHE A 348 -17.95 -11.13 -7.46
CA PHE A 348 -16.53 -10.65 -7.36
C PHE A 348 -16.29 -9.48 -8.26
N ALA A 349 -16.84 -9.53 -9.50
CA ALA A 349 -16.79 -8.33 -10.34
C ALA A 349 -17.36 -7.07 -9.66
N GLU A 350 -18.49 -7.22 -8.94
CA GLU A 350 -19.04 -6.13 -8.23
C GLU A 350 -18.12 -5.60 -7.11
N SER A 351 -17.46 -6.50 -6.40
CA SER A 351 -16.52 -6.02 -5.38
C SER A 351 -15.38 -5.22 -6.00
N VAL A 352 -14.87 -5.69 -7.15
CA VAL A 352 -13.80 -4.95 -7.86
C VAL A 352 -14.34 -3.62 -8.30
N ALA A 353 -15.60 -3.58 -8.76
CA ALA A 353 -16.23 -2.28 -9.06
C ALA A 353 -16.24 -1.31 -7.95
N VAL A 354 -16.48 -1.77 -6.72
CA VAL A 354 -16.49 -0.97 -5.54
C VAL A 354 -15.09 -0.47 -5.17
N VAL A 355 -14.12 -1.36 -5.30
CA VAL A 355 -12.71 -1.03 -5.12
C VAL A 355 -12.28 0.08 -6.05
N TRP A 356 -12.73 -0.04 -7.29
CA TRP A 356 -12.40 1.00 -8.29
C TRP A 356 -13.11 2.31 -7.98
N GLU A 357 -14.38 2.27 -7.59
CA GLU A 357 -15.10 3.52 -7.27
C GLU A 357 -14.44 4.27 -6.10
N LYS A 358 -14.14 3.55 -5.03
CA LYS A 358 -13.44 4.06 -3.90
C LYS A 358 -12.06 4.61 -4.26
N THR A 359 -11.38 4.00 -5.22
CA THR A 359 -10.08 4.54 -5.70
C THR A 359 -10.23 5.79 -6.57
N HIS A 360 -11.14 5.72 -7.52
CA HIS A 360 -11.32 6.75 -8.57
C HIS A 360 -11.90 8.04 -7.97
N LYS A 361 -12.73 7.92 -6.94
CA LYS A 361 -13.32 9.11 -6.27
C LYS A 361 -12.60 9.72 -5.03
N ARG A 362 -11.59 9.06 -4.44
CA ARG A 362 -11.01 9.50 -3.13
C ARG A 362 -10.52 10.99 -3.00
#